data_6BC8
#
_entry.id   6BC8
#
_cell.length_a   63.691
_cell.length_b   63.691
_cell.length_c   116.274
_cell.angle_alpha   90.000
_cell.angle_beta   90.000
_cell.angle_gamma   120.000
#
_symmetry.space_group_name_H-M   'P 31 2 1'
#
loop_
_entity.id
_entity.type
_entity.pdbx_description
1 polymer 'Mitotic spindle assembly checkpoint protein MAD2B'
2 polymer 'DNA polymerase zeta catalytic subunit'
3 non-polymer 'SULFATE ION'
4 non-polymer 'ACETATE ION'
5 water water
#
loop_
_entity_poly.entity_id
_entity_poly.type
_entity_poly.pdbx_seq_one_letter_code
_entity_poly.pdbx_strand_id
1 'polypeptide(L)'
;MGSSHHHHHHSQDPNSMTTLTRQDLNFGQVVADVLCEFLEVAVHLILYVREVYPVGIFQKRKKYNVPVQMSCHPELNQYI
QDTLHCVKPLLEKNDVEKVVVVILDKEHRPVEKFVFEITQPPLLSISSDSLLSHVEQLLAAFILKISVCDAVLDHNPPGC
TFTVLVHTREAATRNMEKIQVIKDFPWILADEQDVHMHDPRLIPLKTMTSDILKMQLYVEERAHKGS
;
A
2 'polypeptide(L)' MEDKKIVIMPCKCAPSRQLVQVWLQAKE B
#
loop_
_chem_comp.id
_chem_comp.type
_chem_comp.name
_chem_comp.formula
ACT non-polymer 'ACETATE ION' 'C2 H3 O2 -1'
SO4 non-polymer 'SULFATE ION' 'O4 S -2'
#
# COMPACT_ATOMS: atom_id res chain seq x y z
N THR A 19 -5.33 26.60 10.51
CA THR A 19 -4.53 25.57 9.77
C THR A 19 -4.58 25.93 8.28
N LEU A 20 -3.65 26.76 7.90
CA LEU A 20 -3.60 27.24 6.58
C LEU A 20 -2.76 26.16 5.83
N THR A 21 -1.75 25.50 6.49
CA THR A 21 -0.68 24.81 5.68
C THR A 21 -0.40 23.37 6.11
N ARG A 22 0.18 22.60 5.20
CA ARG A 22 0.51 21.23 5.47
C ARG A 22 1.51 21.12 6.58
N GLN A 23 2.43 22.06 6.62
CA GLN A 23 3.51 22.06 7.64
C GLN A 23 3.00 22.29 9.06
N ASP A 24 1.81 22.85 9.18
CA ASP A 24 1.18 23.13 10.51
C ASP A 24 0.83 21.81 11.19
N LEU A 25 0.64 20.71 10.45
CA LEU A 25 0.27 19.47 11.11
C LEU A 25 1.52 18.68 11.37
N ASN A 26 2.31 19.19 12.30
CA ASN A 26 3.59 18.61 12.68
C ASN A 26 4.47 18.19 11.46
N PHE A 27 4.59 19.11 10.51
CA PHE A 27 5.58 19.02 9.43
C PHE A 27 5.32 17.82 8.51
N GLY A 28 4.06 17.42 8.41
CA GLY A 28 3.67 16.25 7.65
C GLY A 28 3.67 14.94 8.42
N GLN A 29 4.07 14.93 9.69
CA GLN A 29 4.09 13.77 10.48
C GLN A 29 2.73 13.23 10.78
N VAL A 30 1.72 14.09 10.99
CA VAL A 30 0.39 13.62 11.30
C VAL A 30 -0.18 12.80 10.13
N VAL A 31 -0.12 13.37 8.93
CA VAL A 31 -0.65 12.69 7.76
C VAL A 31 0.19 11.42 7.50
N ALA A 32 1.51 11.48 7.65
CA ALA A 32 2.31 10.30 7.45
C ALA A 32 1.92 9.19 8.41
N ASP A 33 1.71 9.51 9.69
CA ASP A 33 1.35 8.50 10.66
C ASP A 33 -0.01 7.94 10.42
N VAL A 34 -0.97 8.79 10.07
CA VAL A 34 -2.28 8.35 9.83
C VAL A 34 -2.29 7.41 8.57
N LEU A 35 -1.56 7.80 7.55
CA LEU A 35 -1.46 7.01 6.29
C LEU A 35 -0.75 5.70 6.55
N CYS A 36 0.29 5.68 7.36
CA CYS A 36 0.97 4.41 7.62
C CYS A 36 0.10 3.45 8.44
N GLU A 37 -0.69 3.97 9.38
CA GLU A 37 -1.66 3.17 10.12
C GLU A 37 -2.70 2.59 9.18
N PHE A 38 -3.21 3.45 8.33
CA PHE A 38 -4.16 3.07 7.32
C PHE A 38 -3.57 2.04 6.33
N LEU A 39 -2.41 2.30 5.80
CA LEU A 39 -1.81 1.36 4.82
C LEU A 39 -1.56 0.00 5.38
N GLU A 40 -1.21 -0.09 6.66
CA GLU A 40 -0.93 -1.36 7.29
C GLU A 40 -2.23 -2.20 7.31
N VAL A 41 -3.35 -1.57 7.71
CA VAL A 41 -4.59 -2.28 7.80
C VAL A 41 -5.08 -2.65 6.39
N ALA A 42 -4.92 -1.77 5.47
CA ALA A 42 -5.36 -2.03 4.05
C ALA A 42 -4.54 -3.15 3.40
N VAL A 43 -3.24 -3.15 3.63
CA VAL A 43 -2.38 -4.18 3.10
C VAL A 43 -2.81 -5.55 3.69
N HIS A 44 -2.91 -5.65 5.01
CA HIS A 44 -3.40 -6.89 5.58
C HIS A 44 -4.74 -7.34 4.97
N LEU A 45 -5.67 -6.41 4.80
CA LEU A 45 -6.94 -6.81 4.27
C LEU A 45 -6.85 -7.27 2.85
N ILE A 46 -6.02 -6.60 2.05
CA ILE A 46 -5.75 -7.04 0.68
C ILE A 46 -5.26 -8.48 0.64
N LEU A 47 -4.24 -8.77 1.46
CA LEU A 47 -3.65 -10.06 1.48
C LEU A 47 -4.67 -11.12 1.86
N TYR A 48 -5.65 -10.76 2.70
CA TYR A 48 -6.68 -11.68 3.08
C TYR A 48 -7.65 -11.93 1.94
N VAL A 49 -8.26 -10.87 1.45
CA VAL A 49 -9.34 -11.03 0.47
C VAL A 49 -8.88 -11.64 -0.82
N ARG A 50 -7.62 -11.37 -1.20
CA ARG A 50 -7.00 -11.95 -2.39
C ARG A 50 -6.32 -13.26 -2.15
N GLU A 51 -6.36 -13.73 -0.92
CA GLU A 51 -5.82 -15.00 -0.57
C GLU A 51 -4.34 -15.16 -0.95
N VAL A 52 -3.56 -14.14 -0.63
CA VAL A 52 -2.14 -14.17 -0.87
C VAL A 52 -1.50 -15.09 0.16
N TYR A 53 -2.12 -15.18 1.31
CA TYR A 53 -1.72 -16.06 2.39
C TYR A 53 -2.89 -16.91 2.87
N PRO A 54 -2.62 -18.08 3.48
CA PRO A 54 -3.74 -18.86 4.02
C PRO A 54 -4.62 -18.06 5.00
N VAL A 55 -5.93 -18.18 4.86
CA VAL A 55 -6.87 -17.43 5.69
C VAL A 55 -6.66 -17.66 7.21
N GLY A 56 -6.16 -18.85 7.55
CA GLY A 56 -5.90 -19.14 8.97
C GLY A 56 -4.95 -18.28 9.75
N ILE A 57 -4.11 -17.45 9.07
CA ILE A 57 -3.28 -16.53 9.84
C ILE A 57 -3.96 -15.22 10.18
N PHE A 58 -5.14 -14.98 9.61
CA PHE A 58 -5.75 -13.70 9.82
C PHE A 58 -6.76 -13.82 10.91
N GLN A 59 -6.76 -12.81 11.77
CA GLN A 59 -7.76 -12.67 12.79
C GLN A 59 -8.65 -11.45 12.56
N LYS A 60 -9.88 -11.54 13.00
CA LYS A 60 -10.81 -10.47 12.92
C LYS A 60 -10.60 -9.43 14.04
N ARG A 61 -10.46 -8.14 13.63
CA ARG A 61 -10.29 -7.04 14.54
C ARG A 61 -11.21 -5.94 14.05
N LYS A 62 -11.23 -4.84 14.77
CA LYS A 62 -11.93 -3.65 14.32
C LYS A 62 -10.95 -2.50 14.12
N LYS A 63 -11.17 -1.73 13.07
CA LYS A 63 -10.45 -0.48 12.87
C LYS A 63 -11.36 0.48 12.20
N TYR A 64 -11.28 1.74 12.59
CA TYR A 64 -12.18 2.75 12.06
C TYR A 64 -13.65 2.37 12.29
N ASN A 65 -13.85 1.63 13.37
CA ASN A 65 -15.14 1.05 13.75
C ASN A 65 -15.72 0.08 12.68
N VAL A 66 -14.89 -0.54 11.84
CA VAL A 66 -15.34 -1.52 10.87
C VAL A 66 -14.47 -2.76 10.98
N PRO A 67 -14.99 -3.91 10.49
CA PRO A 67 -14.22 -5.17 10.59
C PRO A 67 -12.99 -5.15 9.71
N VAL A 68 -11.89 -5.65 10.21
CA VAL A 68 -10.67 -5.77 9.39
C VAL A 68 -10.11 -7.14 9.72
N GLN A 69 -9.09 -7.55 8.97
CA GLN A 69 -8.54 -8.91 9.05
C GLN A 69 -7.07 -8.76 9.10
N MET A 70 -6.46 -9.16 10.21
CA MET A 70 -5.06 -8.86 10.41
C MET A 70 -4.30 -10.16 10.68
N SER A 71 -3.20 -10.31 9.99
CA SER A 71 -2.30 -11.40 10.15
C SER A 71 -1.71 -11.45 11.58
N CYS A 72 -1.54 -12.67 12.08
CA CYS A 72 -0.80 -12.92 13.34
CA CYS A 72 -0.81 -12.95 13.33
C CYS A 72 0.52 -13.59 13.06
N HIS A 73 0.93 -13.66 11.78
CA HIS A 73 2.24 -14.23 11.45
C HIS A 73 3.34 -13.21 11.80
N PRO A 74 4.26 -13.51 12.78
CA PRO A 74 5.20 -12.48 13.19
C PRO A 74 6.09 -11.89 12.11
N GLU A 75 6.68 -12.72 11.27
CA GLU A 75 7.62 -12.20 10.30
C GLU A 75 6.87 -11.40 9.18
N LEU A 76 5.67 -11.84 8.81
CA LEU A 76 4.94 -11.13 7.77
C LEU A 76 4.57 -9.77 8.37
N ASN A 77 4.12 -9.78 9.61
CA ASN A 77 3.79 -8.51 10.23
C ASN A 77 4.93 -7.54 10.26
N GLN A 78 6.11 -8.02 10.64
CA GLN A 78 7.27 -7.22 10.74
C GLN A 78 7.72 -6.73 9.39
N TYR A 79 7.52 -7.54 8.33
CA TYR A 79 7.89 -7.13 7.02
C TYR A 79 7.02 -5.96 6.58
N ILE A 80 5.74 -6.07 6.84
CA ILE A 80 4.84 -4.97 6.46
C ILE A 80 5.16 -3.71 7.25
N GLN A 81 5.38 -3.86 8.56
CA GLN A 81 5.80 -2.72 9.32
C GLN A 81 7.14 -2.09 8.90
N ASP A 82 8.13 -2.92 8.56
CA ASP A 82 9.37 -2.43 8.13
C ASP A 82 9.21 -1.66 6.83
N THR A 83 8.41 -2.19 5.90
CA THR A 83 8.19 -1.52 4.65
C THR A 83 7.56 -0.14 4.91
N LEU A 84 6.56 -0.10 5.77
CA LEU A 84 5.89 1.19 6.02
C LEU A 84 6.76 2.17 6.85
N HIS A 85 7.71 1.64 7.65
CA HIS A 85 8.68 2.43 8.36
C HIS A 85 9.57 3.22 7.35
N CYS A 86 9.80 2.63 6.15
CA CYS A 86 10.52 3.29 5.12
C CYS A 86 9.64 4.26 4.34
N VAL A 87 8.37 3.95 4.22
CA VAL A 87 7.41 4.81 3.49
C VAL A 87 7.13 6.09 4.30
N LYS A 88 7.11 5.98 5.62
CA LYS A 88 6.80 7.15 6.44
C LYS A 88 7.63 8.42 6.17
N PRO A 89 8.99 8.34 6.19
CA PRO A 89 9.79 9.54 5.87
C PRO A 89 9.55 10.08 4.47
N LEU A 90 9.24 9.19 3.54
CA LEU A 90 8.92 9.66 2.19
C LEU A 90 7.64 10.46 2.20
N LEU A 91 6.69 9.99 2.94
CA LEU A 91 5.42 10.72 3.08
C LEU A 91 5.66 12.07 3.75
N GLU A 92 6.49 12.07 4.78
CA GLU A 92 6.71 13.29 5.55
C GLU A 92 7.36 14.38 4.75
N LYS A 93 8.26 14.01 3.82
CA LYS A 93 8.94 14.93 2.99
C LYS A 93 8.17 15.18 1.70
N ASN A 94 6.91 14.76 1.66
CA ASN A 94 6.05 14.90 0.49
C ASN A 94 6.65 14.34 -0.78
N ASP A 95 7.07 13.07 -0.69
CA ASP A 95 7.79 12.44 -1.75
C ASP A 95 7.10 11.19 -2.21
N VAL A 96 5.77 11.15 -2.05
CA VAL A 96 4.98 10.01 -2.45
C VAL A 96 3.82 10.42 -3.35
N GLU A 97 3.74 9.89 -4.57
CA GLU A 97 2.51 10.03 -5.40
C GLU A 97 1.59 8.77 -5.30
N LYS A 98 2.19 7.59 -5.21
CA LYS A 98 1.47 6.30 -5.07
C LYS A 98 2.16 5.34 -4.17
N VAL A 99 1.39 4.56 -3.41
CA VAL A 99 1.83 3.37 -2.79
C VAL A 99 0.97 2.30 -3.38
N VAL A 100 1.62 1.28 -3.93
CA VAL A 100 0.99 0.26 -4.72
C VAL A 100 1.28 -1.12 -4.14
N VAL A 101 0.23 -1.86 -3.83
CA VAL A 101 0.34 -3.28 -3.49
C VAL A 101 0.23 -4.07 -4.80
N VAL A 102 1.32 -4.69 -5.19
CA VAL A 102 1.38 -5.36 -6.46
C VAL A 102 1.30 -6.84 -6.17
N ILE A 103 0.36 -7.48 -6.81
CA ILE A 103 0.19 -8.94 -6.76
C ILE A 103 0.82 -9.56 -8.00
N LEU A 104 1.80 -10.40 -7.76
CA LEU A 104 2.58 -11.13 -8.76
C LEU A 104 2.19 -12.57 -8.90
N ASP A 105 2.09 -13.05 -10.16
CA ASP A 105 1.78 -14.48 -10.37
C ASP A 105 3.01 -15.31 -10.10
N LYS A 106 2.92 -16.63 -10.29
CA LYS A 106 4.03 -17.51 -9.99
C LYS A 106 5.22 -17.37 -10.90
N GLU A 107 5.02 -16.74 -12.06
CA GLU A 107 6.08 -16.37 -12.94
C GLU A 107 6.59 -14.97 -12.54
N HIS A 108 6.04 -14.36 -11.48
CA HIS A 108 6.49 -13.05 -10.98
C HIS A 108 6.11 -11.92 -11.87
N ARG A 109 4.96 -12.02 -12.51
CA ARG A 109 4.46 -10.96 -13.37
C ARG A 109 3.27 -10.35 -12.69
N PRO A 110 3.14 -9.01 -12.75
CA PRO A 110 1.97 -8.40 -12.12
C PRO A 110 0.68 -8.86 -12.74
N VAL A 111 -0.23 -9.28 -11.87
CA VAL A 111 -1.61 -9.61 -12.23
C VAL A 111 -2.56 -8.57 -11.78
N GLU A 112 -2.21 -7.87 -10.70
CA GLU A 112 -3.13 -6.96 -10.13
C GLU A 112 -2.36 -5.98 -9.29
N LYS A 113 -2.85 -4.75 -9.28
CA LYS A 113 -2.25 -3.68 -8.47
C LYS A 113 -3.29 -2.93 -7.74
N PHE A 114 -3.06 -2.76 -6.43
CA PHE A 114 -3.91 -1.93 -5.65
C PHE A 114 -3.18 -0.61 -5.48
N VAL A 115 -3.69 0.42 -6.12
CA VAL A 115 -3.00 1.73 -6.21
C VAL A 115 -3.59 2.70 -5.22
N PHE A 116 -2.81 3.12 -4.23
CA PHE A 116 -3.23 4.23 -3.33
C PHE A 116 -2.50 5.50 -3.84
N GLU A 117 -3.22 6.32 -4.57
CA GLU A 117 -2.71 7.56 -5.13
C GLU A 117 -2.97 8.70 -4.17
N ILE A 118 -1.90 9.38 -3.74
CA ILE A 118 -1.86 10.29 -2.55
C ILE A 118 -1.41 11.65 -3.06
N THR A 119 -2.12 12.70 -2.72
CA THR A 119 -1.65 14.06 -2.93
C THR A 119 -1.72 14.81 -1.62
N GLN A 120 -0.65 15.51 -1.26
CA GLN A 120 -0.55 16.31 -0.04
C GLN A 120 -0.21 17.73 -0.47
N PRO A 121 -1.24 18.48 -0.83
CA PRO A 121 -0.90 19.85 -1.26
C PRO A 121 -0.28 20.71 -0.12
N PRO A 122 0.51 21.75 -0.47
CA PRO A 122 1.13 22.57 0.58
C PRO A 122 0.11 23.42 1.37
N LEU A 123 -1.00 23.79 0.76
CA LEU A 123 -2.03 24.52 1.46
C LEU A 123 -3.19 23.59 1.71
N LEU A 124 -3.82 23.72 2.86
CA LEU A 124 -5.03 22.91 3.13
C LEU A 124 -6.17 23.47 2.26
N SER A 125 -7.03 22.59 1.75
CA SER A 125 -8.24 23.00 1.07
C SER A 125 -9.28 23.30 2.17
N ILE A 126 -9.36 24.58 2.47
CA ILE A 126 -10.45 25.24 3.24
C ILE A 126 -11.87 24.62 3.11
N SER A 127 -12.30 24.33 1.89
CA SER A 127 -13.69 23.94 1.65
C SER A 127 -13.98 22.45 1.83
N SER A 128 -12.95 21.60 1.90
CA SER A 128 -13.15 20.15 1.97
C SER A 128 -13.36 19.71 3.42
N ASP A 129 -13.85 18.51 3.63
CA ASP A 129 -14.09 18.12 5.00
C ASP A 129 -12.76 17.83 5.71
N SER A 130 -12.80 18.07 7.01
CA SER A 130 -11.67 17.91 7.89
C SER A 130 -11.28 16.47 8.01
N LEU A 131 -10.05 16.13 7.60
CA LEU A 131 -9.65 14.73 7.71
C LEU A 131 -9.61 14.38 9.16
N LEU A 132 -9.08 15.25 9.98
CA LEU A 132 -8.81 14.81 11.37
C LEU A 132 -10.09 14.72 12.21
N SER A 133 -11.13 15.42 11.81
CA SER A 133 -12.39 15.32 12.55
C SER A 133 -13.20 14.13 12.11
N HIS A 134 -12.97 13.63 10.90
CA HIS A 134 -13.77 12.53 10.39
C HIS A 134 -12.88 11.36 9.94
N VAL A 135 -11.77 11.11 10.64
CA VAL A 135 -10.79 10.18 10.06
C VAL A 135 -11.36 8.76 10.02
N GLU A 136 -12.15 8.39 11.07
CA GLU A 136 -12.77 7.08 11.18
C GLU A 136 -13.65 6.82 9.96
N GLN A 137 -14.59 7.71 9.78
CA GLN A 137 -15.56 7.52 8.73
C GLN A 137 -14.94 7.60 7.38
N LEU A 138 -13.98 8.51 7.20
CA LEU A 138 -13.40 8.66 5.88
C LEU A 138 -12.55 7.47 5.49
N LEU A 139 -11.75 6.99 6.42
CA LEU A 139 -10.86 5.85 6.09
C LEU A 139 -11.64 4.52 6.08
N ALA A 140 -12.66 4.40 6.94
CA ALA A 140 -13.52 3.19 6.92
C ALA A 140 -14.10 2.91 5.55
N ALA A 141 -14.46 3.95 4.83
CA ALA A 141 -15.03 3.79 3.50
C ALA A 141 -14.09 3.07 2.56
N PHE A 142 -12.78 3.36 2.68
CA PHE A 142 -11.82 2.61 1.81
C PHE A 142 -11.78 1.15 2.22
N ILE A 143 -11.72 0.93 3.53
CA ILE A 143 -11.62 -0.40 4.09
C ILE A 143 -12.84 -1.22 3.65
N LEU A 144 -14.04 -0.63 3.72
CA LEU A 144 -15.21 -1.36 3.33
C LEU A 144 -15.23 -1.76 1.87
N LYS A 145 -14.66 -0.93 1.00
CA LYS A 145 -14.55 -1.24 -0.44
C LYS A 145 -13.56 -2.36 -0.63
N ILE A 146 -12.49 -2.35 0.12
CA ILE A 146 -11.52 -3.47 -0.01
C ILE A 146 -12.16 -4.79 0.46
N SER A 147 -12.89 -4.74 1.57
CA SER A 147 -13.52 -5.94 2.14
C SER A 147 -14.34 -6.77 1.14
N VAL A 148 -15.01 -6.07 0.20
CA VAL A 148 -15.91 -6.69 -0.78
C VAL A 148 -15.39 -6.63 -2.20
N CYS A 149 -14.10 -6.27 -2.41
CA CYS A 149 -13.62 -6.04 -3.80
C CYS A 149 -13.49 -7.32 -4.55
N ASP A 150 -13.47 -8.48 -3.86
CA ASP A 150 -13.36 -9.72 -4.60
C ASP A 150 -14.52 -9.88 -5.68
N ALA A 151 -15.66 -9.24 -5.43
CA ALA A 151 -16.81 -9.26 -6.38
C ALA A 151 -16.42 -8.76 -7.75
N VAL A 152 -15.61 -7.70 -7.81
CA VAL A 152 -15.34 -6.97 -9.08
C VAL A 152 -14.06 -7.33 -9.74
N LEU A 153 -13.20 -8.10 -9.05
CA LEU A 153 -11.95 -8.50 -9.64
C LEU A 153 -12.05 -9.90 -10.25
N ASP A 154 -11.16 -10.17 -11.22
CA ASP A 154 -10.91 -11.54 -11.74
C ASP A 154 -10.38 -12.40 -10.61
N HIS A 155 -10.46 -13.71 -10.80
CA HIS A 155 -9.81 -14.66 -9.94
C HIS A 155 -8.32 -14.61 -10.31
N ASN A 156 -7.45 -14.36 -9.33
CA ASN A 156 -6.00 -14.47 -9.54
C ASN A 156 -5.61 -15.94 -9.75
N PRO A 157 -4.52 -16.16 -10.51
CA PRO A 157 -4.08 -17.53 -10.64
C PRO A 157 -3.49 -18.00 -9.29
N PRO A 158 -3.33 -19.30 -9.09
CA PRO A 158 -2.81 -19.76 -7.79
C PRO A 158 -1.34 -19.38 -7.60
N GLY A 159 -0.95 -19.26 -6.34
CA GLY A 159 0.45 -19.10 -5.93
C GLY A 159 0.97 -17.64 -6.10
N CYS A 160 0.08 -16.67 -6.12
CA CYS A 160 0.48 -15.28 -6.17
C CYS A 160 1.28 -14.87 -4.90
N THR A 161 2.17 -13.88 -5.09
CA THR A 161 2.91 -13.19 -3.98
C THR A 161 2.60 -11.71 -4.10
N PHE A 162 3.08 -10.94 -3.14
CA PHE A 162 2.96 -9.48 -3.23
C PHE A 162 4.25 -8.76 -3.03
N THR A 163 4.28 -7.54 -3.51
CA THR A 163 5.32 -6.60 -3.17
C THR A 163 4.69 -5.22 -3.06
N VAL A 164 5.50 -4.23 -2.69
CA VAL A 164 5.00 -2.85 -2.55
C VAL A 164 5.84 -1.97 -3.35
N LEU A 165 5.23 -1.19 -4.22
CA LEU A 165 5.96 -0.19 -5.00
C LEU A 165 5.60 1.20 -4.54
N VAL A 166 6.61 2.06 -4.37
CA VAL A 166 6.44 3.44 -4.00
C VAL A 166 6.82 4.30 -5.17
N HIS A 167 5.83 5.01 -5.75
CA HIS A 167 6.09 5.98 -6.77
C HIS A 167 6.36 7.29 -6.11
N THR A 168 7.59 7.78 -6.25
CA THR A 168 8.03 9.02 -5.55
C THR A 168 7.79 10.25 -6.38
N ARG A 169 8.03 11.40 -5.80
CA ARG A 169 8.02 12.68 -6.54
C ARG A 169 9.34 13.09 -7.06
N GLU A 170 10.35 12.23 -6.90
CA GLU A 170 11.68 12.58 -7.27
C GLU A 170 11.94 12.32 -8.64
N ALA A 171 12.64 13.25 -9.28
CA ALA A 171 12.93 13.06 -10.71
C ALA A 171 14.06 12.10 -10.82
N ALA A 172 13.96 11.22 -11.77
CA ALA A 172 15.03 10.27 -12.01
C ALA A 172 16.23 11.02 -12.65
N THR A 173 17.46 10.72 -12.21
CA THR A 173 18.71 11.28 -12.77
C THR A 173 19.41 10.18 -13.60
N ARG A 174 19.98 10.55 -14.76
CA ARG A 174 20.68 9.63 -15.71
C ARG A 174 21.54 8.59 -15.04
N ASN A 175 22.34 9.05 -14.08
CA ASN A 175 23.27 8.19 -13.43
C ASN A 175 22.86 8.14 -12.00
N MET A 176 22.08 7.11 -11.68
CA MET A 176 21.62 6.91 -10.29
C MET A 176 21.77 5.45 -9.96
N GLU A 177 22.19 5.18 -8.73
CA GLU A 177 22.42 3.82 -8.28
C GLU A 177 21.05 3.10 -8.10
N LYS A 178 20.96 1.89 -8.65
CA LYS A 178 19.75 1.08 -8.52
C LYS A 178 19.38 0.88 -7.05
N ILE A 179 20.34 0.59 -6.21
CA ILE A 179 20.10 0.30 -4.81
C ILE A 179 20.09 1.55 -3.97
N GLN A 180 19.02 1.72 -3.17
CA GLN A 180 18.80 2.90 -2.31
C GLN A 180 18.46 2.39 -0.93
N VAL A 181 19.25 2.73 0.07
CA VAL A 181 18.99 2.26 1.40
C VAL A 181 18.09 3.27 2.11
N ILE A 182 17.04 2.77 2.75
CA ILE A 182 16.13 3.63 3.48
C ILE A 182 15.95 3.05 4.85
N LYS A 183 16.24 3.83 5.88
CA LYS A 183 16.14 3.37 7.27
C LYS A 183 16.80 2.03 7.41
N ASP A 184 17.96 1.86 6.81
CA ASP A 184 18.70 0.61 6.85
C ASP A 184 18.17 -0.55 6.01
N PHE A 185 17.08 -0.37 5.27
CA PHE A 185 16.59 -1.46 4.42
C PHE A 185 16.92 -1.16 2.98
N PRO A 186 17.48 -2.14 2.25
CA PRO A 186 17.74 -1.85 0.86
C PRO A 186 16.47 -1.90 0.04
N TRP A 187 16.27 -0.84 -0.74
CA TRP A 187 15.23 -0.74 -1.77
C TRP A 187 15.95 -0.69 -3.11
N ILE A 188 15.19 -0.88 -4.18
CA ILE A 188 15.72 -0.87 -5.51
C ILE A 188 14.76 -0.12 -6.44
N LEU A 189 15.32 0.63 -7.40
CA LEU A 189 14.51 1.16 -8.53
C LEU A 189 13.76 0.02 -9.17
N ALA A 190 12.45 0.16 -9.38
CA ALA A 190 11.67 -0.95 -9.78
C ALA A 190 11.95 -1.16 -11.30
N ASP A 191 12.14 -2.43 -11.70
N ASP A 191 12.18 -2.37 -11.75
CA ASP A 191 12.42 -2.78 -13.11
CA ASP A 191 12.48 -2.54 -13.18
C ASP A 191 11.12 -2.80 -13.90
C ASP A 191 11.19 -2.93 -13.91
N GLU A 192 11.20 -2.74 -15.22
CA GLU A 192 10.01 -2.84 -16.08
C GLU A 192 9.10 -4.08 -15.87
N GLN A 193 9.63 -5.21 -15.41
CA GLN A 193 8.76 -6.39 -15.10
C GLN A 193 7.61 -6.09 -14.12
N ASP A 194 7.89 -5.29 -13.09
CA ASP A 194 6.89 -4.91 -12.11
C ASP A 194 6.16 -3.61 -12.43
N VAL A 195 6.88 -2.59 -12.88
CA VAL A 195 6.27 -1.25 -13.17
C VAL A 195 5.24 -1.26 -14.32
N HIS A 196 5.44 -2.15 -15.30
CA HIS A 196 4.64 -2.19 -16.55
C HIS A 196 3.57 -3.28 -16.51
N MET A 197 2.34 -2.86 -16.74
CA MET A 197 1.27 -3.75 -17.14
C MET A 197 0.77 -3.25 -18.49
N HIS A 198 0.59 -4.18 -19.43
CA HIS A 198 0.18 -3.84 -20.80
C HIS A 198 -1.29 -3.42 -20.75
N ASP A 199 -1.54 -2.12 -20.79
CA ASP A 199 -2.91 -1.59 -20.93
C ASP A 199 -3.88 -2.31 -19.99
N PRO A 200 -3.68 -2.10 -18.68
CA PRO A 200 -4.49 -2.81 -17.74
C PRO A 200 -5.90 -2.24 -17.70
N ARG A 201 -6.84 -3.02 -17.22
CA ARG A 201 -8.18 -2.58 -16.93
C ARG A 201 -8.15 -1.89 -15.57
N LEU A 202 -8.76 -0.72 -15.49
CA LEU A 202 -8.73 0.12 -14.28
C LEU A 202 -10.04 0.03 -13.55
N ILE A 203 -10.02 -0.35 -12.27
CA ILE A 203 -11.19 -0.57 -11.47
C ILE A 203 -11.20 0.39 -10.28
N PRO A 204 -12.05 1.41 -10.30
CA PRO A 204 -12.12 2.35 -9.16
C PRO A 204 -12.80 1.81 -7.94
N LEU A 205 -12.21 2.03 -6.77
CA LEU A 205 -12.78 1.62 -5.54
C LEU A 205 -13.28 2.77 -4.75
N LYS A 206 -12.47 3.81 -4.57
CA LYS A 206 -12.85 4.89 -3.67
C LYS A 206 -11.98 6.14 -3.89
N THR A 207 -12.57 7.32 -3.79
CA THR A 207 -11.82 8.55 -3.87
C THR A 207 -12.20 9.38 -2.70
N MET A 208 -11.22 10.09 -2.18
CA MET A 208 -11.49 11.07 -1.10
C MET A 208 -10.68 12.33 -1.34
N THR A 209 -11.33 13.47 -1.12
CA THR A 209 -10.69 14.76 -1.05
C THR A 209 -10.96 15.39 0.31
N SER A 210 -9.97 15.52 1.15
CA SER A 210 -10.17 16.16 2.42
C SER A 210 -9.35 17.44 2.45
N ASP A 211 -9.43 18.19 3.55
CA ASP A 211 -8.68 19.43 3.65
C ASP A 211 -7.14 19.22 3.51
N ILE A 212 -6.65 18.12 4.07
CA ILE A 212 -5.20 17.86 4.16
C ILE A 212 -4.73 16.82 3.11
N LEU A 213 -5.55 15.88 2.74
CA LEU A 213 -5.17 14.74 1.90
C LEU A 213 -6.20 14.43 0.83
N LYS A 214 -5.71 14.15 -0.36
CA LYS A 214 -6.48 13.61 -1.42
C LYS A 214 -5.93 12.20 -1.66
N MET A 215 -6.83 11.22 -1.64
CA MET A 215 -6.44 9.80 -1.82
C MET A 215 -7.46 9.07 -2.68
N GLN A 216 -6.95 8.37 -3.67
CA GLN A 216 -7.76 7.56 -4.54
C GLN A 216 -7.24 6.15 -4.51
N LEU A 217 -8.13 5.19 -4.31
CA LEU A 217 -7.81 3.80 -4.44
C LEU A 217 -8.45 3.21 -5.67
N TYR A 218 -7.69 2.52 -6.47
CA TYR A 218 -8.19 1.81 -7.62
C TYR A 218 -7.28 0.66 -7.90
N VAL A 219 -7.77 -0.33 -8.65
CA VAL A 219 -7.06 -1.51 -8.92
C VAL A 219 -6.81 -1.54 -10.39
N GLU A 220 -5.62 -1.94 -10.78
CA GLU A 220 -5.33 -2.26 -12.15
C GLU A 220 -5.25 -3.78 -12.24
N GLU A 221 -5.95 -4.34 -13.25
CA GLU A 221 -5.96 -5.78 -13.53
C GLU A 221 -5.40 -6.01 -14.91
N ARG A 222 -4.68 -7.09 -15.09
CA ARG A 222 -4.18 -7.45 -16.42
C ARG A 222 -5.37 -7.60 -17.44
N ALA A 223 -5.27 -6.97 -18.62
CA ALA A 223 -6.26 -7.17 -19.72
C ALA A 223 -5.85 -8.34 -20.56
N ASP B 3 8.33 13.56 -17.66
CA ASP B 3 9.62 13.14 -17.01
C ASP B 3 9.39 12.05 -15.98
N LYS B 4 10.27 11.04 -16.01
CA LYS B 4 10.07 9.81 -15.22
C LYS B 4 10.49 10.07 -13.77
N LYS B 5 9.70 9.55 -12.85
CA LYS B 5 10.05 9.67 -11.45
C LYS B 5 10.59 8.32 -10.98
N ILE B 6 11.29 8.41 -9.90
CA ILE B 6 11.82 7.30 -9.19
C ILE B 6 10.64 6.49 -8.58
N VAL B 7 10.64 5.22 -8.93
CA VAL B 7 9.71 4.19 -8.37
C VAL B 7 10.59 3.16 -7.70
N ILE B 8 10.34 2.84 -6.43
CA ILE B 8 11.18 1.89 -5.70
C ILE B 8 10.34 0.80 -5.11
N MET B 9 10.98 -0.32 -4.80
CA MET B 9 10.38 -1.48 -4.12
C MET B 9 11.41 -2.04 -3.19
N PRO B 10 10.99 -2.78 -2.13
CA PRO B 10 12.00 -3.42 -1.26
C PRO B 10 12.83 -4.43 -2.06
N CYS B 11 14.10 -4.55 -1.77
CA CYS B 11 14.89 -5.66 -2.38
C CYS B 11 14.45 -7.02 -1.87
N LYS B 12 14.02 -7.12 -0.61
CA LYS B 12 13.62 -8.39 -0.04
C LYS B 12 12.15 -8.58 -0.16
N CYS B 13 11.77 -9.80 -0.47
CA CYS B 13 10.35 -10.23 -0.56
C CYS B 13 9.78 -10.44 0.81
N ALA B 14 8.47 -10.33 0.85
CA ALA B 14 7.74 -10.73 2.04
C ALA B 14 7.89 -12.26 2.25
N PRO B 15 7.68 -12.74 3.45
CA PRO B 15 7.67 -14.20 3.69
C PRO B 15 6.82 -14.97 2.68
N SER B 16 7.32 -16.10 2.19
CA SER B 16 6.55 -16.88 1.18
C SER B 16 5.31 -17.52 1.81
N ARG B 17 4.33 -17.82 0.95
CA ARG B 17 3.08 -18.45 1.36
C ARG B 17 3.40 -19.79 2.06
N GLN B 18 4.34 -20.52 1.51
CA GLN B 18 4.69 -21.78 2.06
C GLN B 18 5.28 -21.68 3.46
N LEU B 19 6.15 -20.69 3.69
CA LEU B 19 6.73 -20.48 5.02
C LEU B 19 5.57 -20.20 6.00
N VAL B 20 4.63 -19.41 5.56
CA VAL B 20 3.50 -19.08 6.44
C VAL B 20 2.63 -20.35 6.68
N GLN B 21 2.34 -21.13 5.60
CA GLN B 21 1.58 -22.39 5.67
CA GLN B 21 1.55 -22.37 5.73
C GLN B 21 2.22 -23.29 6.75
N VAL B 22 3.55 -23.50 6.63
CA VAL B 22 4.24 -24.31 7.60
C VAL B 22 4.07 -23.81 9.06
N TRP B 23 4.23 -22.52 9.29
CA TRP B 23 4.00 -21.91 10.62
C TRP B 23 2.57 -22.14 11.14
N LEU B 24 1.62 -22.06 10.24
CA LEU B 24 0.22 -22.24 10.61
C LEU B 24 -0.05 -23.69 11.05
N GLN B 25 0.45 -24.60 10.23
CA GLN B 25 0.18 -26.01 10.40
C GLN B 25 0.86 -26.49 11.65
N ALA B 26 1.99 -25.90 11.99
CA ALA B 26 2.63 -26.18 13.27
C ALA B 26 1.82 -25.66 14.46
N LYS B 27 0.76 -24.90 14.23
CA LYS B 27 0.08 -24.03 15.22
C LYS B 27 0.88 -22.77 15.56
S SO4 C . -15.62 19.72 8.90
O1 SO4 C . -15.24 18.51 8.12
O2 SO4 C . -17.09 19.67 9.10
O3 SO4 C . -14.93 19.75 10.23
O4 SO4 C . -15.28 20.93 8.09
S SO4 D . -16.02 7.25 -4.54
O1 SO4 D . -14.79 6.87 -5.28
O2 SO4 D . -16.86 6.05 -4.16
O3 SO4 D . -15.70 8.05 -3.34
O4 SO4 D . -16.84 8.11 -5.45
C ACT E . 12.27 -4.65 3.77
O ACT E . 12.89 -5.68 3.90
OXT ACT E . 12.58 -3.80 2.93
CH3 ACT E . 11.14 -4.46 4.71
C ACT F . 14.85 7.10 -3.27
O ACT F . 15.42 6.42 -2.40
OXT ACT F . 13.65 7.49 -3.20
CH3 ACT F . 15.68 7.52 -4.44
#